data_5XW0
#
_entry.id   5XW0
#
_cell.length_a   173.480
_cell.length_b   173.480
_cell.length_c   241.140
_cell.angle_alpha   90.00
_cell.angle_beta   90.00
_cell.angle_gamma   120.00
#
_symmetry.space_group_name_H-M   'H 3 2'
#
loop_
_entity.id
_entity.type
_entity.pdbx_description
1 polymer 'Glutamate dehydrogenase'
2 non-polymer 'NADPH DIHYDRO-NICOTINAMIDE-ADENINE-DINUCLEOTIDE PHOSPHATE'
3 non-polymer 'benzene-1,3-dicarboxylic acid'
4 non-polymer GLYCEROL
5 non-polymer DI(HYDROXYETHYL)ETHER
6 water water
#
_entity_poly.entity_id   1
_entity_poly.type   'polypeptide(L)'
_entity_poly.pdbx_seq_one_letter_code
;MSNLPHEPEFEQAYKELASTLENSTLFQKNPEYRKALAVVSVPERVIQFRVVWEDDAGNVQVNRGFRVQFNSALGPYKGG
LRFHPSVNLSILKFLGFEQIFKNALTGLNMGGGKGGSDFDPKGKSDNEIRRFCVSFMTELCKHIGADTDVPAGDIGVTGR
EVGFLFGQYRKIRNQWEGVLTGKGGSWGGSLIRPEATGYGVVYYVEHMIAHATNGQESFKGKRVAISGSGNVAQYAALKV
IELGGSVVSLSDSQGSLIINGEGSFTPEEIELIAQTKVERKQLASIVGAAPFSDANKFKYIAGARPWVHVGKVDVALPSA
TQNEISGEEAQVLINAGCKFIAEGSNMGCTQEAIDTFEAHRTANAGAAAIWYAPGKAANAGGVAVSGLEMAQNSARLSWT
SEEVDARLKDIMRDCFKNGLETAQEYATPAEGVLPSLVTGSNIAGFTKVAAAMKDQGDWW
;
_entity_poly.pdbx_strand_id   A
#
loop_
_chem_comp.id
_chem_comp.type
_chem_comp.name
_chem_comp.formula
8G0 non-polymer 'benzene-1,3-dicarboxylic acid' 'C8 H6 O4'
GOL non-polymer GLYCEROL 'C3 H8 O3'
NDP non-polymer 'NADPH DIHYDRO-NICOTINAMIDE-ADENINE-DINUCLEOTIDE PHOSPHATE' 'C21 H30 N7 O17 P3'
PEG non-polymer DI(HYDROXYETHYL)ETHER 'C4 H10 O3'
#
# COMPACT_ATOMS: atom_id res chain seq x y z
N SER A 2 26.52 9.45 14.18
CA SER A 2 26.90 10.74 14.86
CA SER A 2 26.92 10.74 14.84
C SER A 2 26.19 11.95 14.26
N ASN A 3 26.10 12.03 12.93
CA ASN A 3 25.57 13.22 12.24
C ASN A 3 24.53 12.91 11.14
N LEU A 4 23.67 11.94 11.40
CA LEU A 4 22.65 11.49 10.46
C LEU A 4 21.51 12.49 10.39
N PRO A 5 20.91 12.71 9.20
CA PRO A 5 19.77 13.60 9.11
C PRO A 5 18.48 13.00 9.70
N HIS A 6 17.57 13.86 10.08
CA HIS A 6 16.27 13.47 10.63
C HIS A 6 15.36 13.04 9.49
N GLU A 7 14.81 11.84 9.60
CA GLU A 7 13.94 11.26 8.58
C GLU A 7 12.67 10.79 9.28
N PRO A 8 11.71 11.72 9.54
CA PRO A 8 10.61 11.39 10.46
C PRO A 8 9.78 10.18 10.07
N GLU A 9 9.37 10.12 8.81
CA GLU A 9 8.56 9.00 8.33
C GLU A 9 9.28 7.68 8.45
N PHE A 10 10.56 7.66 8.08
CA PHE A 10 11.36 6.45 8.20
C PHE A 10 11.52 6.02 9.66
N GLU A 11 11.82 6.99 10.51
CA GLU A 11 11.94 6.75 11.96
C GLU A 11 10.66 6.20 12.58
N GLN A 12 9.52 6.74 12.16
CA GLN A 12 8.21 6.22 12.58
C GLN A 12 8.05 4.74 12.23
N ALA A 13 8.33 4.39 10.97
CA ALA A 13 8.19 3.00 10.51
C ALA A 13 9.12 2.09 11.26
N TYR A 14 10.37 2.53 11.40
CA TYR A 14 11.35 1.77 12.12
C TYR A 14 10.94 1.55 13.59
N LYS A 15 10.58 2.64 14.26
CA LYS A 15 10.20 2.58 15.70
C LYS A 15 9.05 1.62 15.96
N GLU A 16 8.02 1.65 15.13
CA GLU A 16 6.88 0.74 15.28
C GLU A 16 7.28 -0.69 15.08
N LEU A 17 8.09 -0.96 14.05
CA LEU A 17 8.59 -2.32 13.84
C LEU A 17 9.39 -2.77 15.04
N ALA A 18 10.38 -1.96 15.43
CA ALA A 18 11.27 -2.29 16.52
C ALA A 18 10.51 -2.56 17.84
N SER A 19 9.54 -1.70 18.15
CA SER A 19 8.71 -1.85 19.35
CA SER A 19 8.72 -1.85 19.36
CA SER A 19 8.71 -1.85 19.35
C SER A 19 7.99 -3.19 19.37
N THR A 20 7.36 -3.53 18.25
CA THR A 20 6.65 -4.83 18.18
C THR A 20 7.60 -6.00 18.34
N LEU A 21 8.81 -5.89 17.81
CA LEU A 21 9.79 -6.95 18.00
C LEU A 21 10.20 -7.05 19.48
N GLU A 22 10.46 -5.92 20.11
CA GLU A 22 10.84 -5.90 21.54
C GLU A 22 9.74 -6.44 22.46
N ASN A 23 8.48 -6.12 22.15
CA ASN A 23 7.30 -6.58 22.89
C ASN A 23 6.81 -7.95 22.43
N SER A 24 7.71 -8.91 22.54
CA SER A 24 7.47 -10.29 22.13
C SER A 24 8.58 -11.10 22.74
N THR A 25 8.56 -12.40 22.57
CA THR A 25 9.65 -13.25 23.00
C THR A 25 10.76 -13.46 21.93
N LEU A 26 10.67 -12.76 20.79
CA LEU A 26 11.66 -12.94 19.70
C LEU A 26 13.11 -12.79 20.16
N PHE A 27 13.43 -11.68 20.80
CA PHE A 27 14.81 -11.42 21.22
C PHE A 27 15.25 -12.14 22.51
N GLN A 28 14.28 -12.72 23.23
CA GLN A 28 14.59 -13.64 24.34
C GLN A 28 15.12 -14.95 23.80
N LYS A 29 14.43 -15.50 22.81
CA LYS A 29 14.87 -16.72 22.15
C LYS A 29 16.09 -16.52 21.24
N ASN A 30 16.16 -15.38 20.55
CA ASN A 30 17.22 -15.12 19.55
C ASN A 30 17.70 -13.68 19.64
N PRO A 31 18.48 -13.36 20.69
CA PRO A 31 18.94 -11.99 20.87
C PRO A 31 19.87 -11.51 19.75
N GLU A 32 20.54 -12.44 19.08
CA GLU A 32 21.37 -12.12 17.90
C GLU A 32 20.59 -11.38 16.79
N TYR A 33 19.27 -11.54 16.74
CA TYR A 33 18.47 -10.84 15.76
C TYR A 33 18.45 -9.34 15.94
N ARG A 34 18.88 -8.83 17.10
CA ARG A 34 19.12 -7.39 17.22
C ARG A 34 20.18 -6.88 16.22
N LYS A 35 21.19 -7.70 15.95
CA LYS A 35 22.21 -7.36 14.96
C LYS A 35 21.57 -7.26 13.57
N ALA A 36 20.72 -8.22 13.24
CA ALA A 36 19.99 -8.23 11.98
C ALA A 36 19.18 -6.95 11.79
N LEU A 37 18.53 -6.48 12.87
CA LEU A 37 17.75 -5.27 12.80
C LEU A 37 18.58 -4.03 12.48
N ALA A 38 19.77 -3.91 13.08
CA ALA A 38 20.67 -2.79 12.81
C ALA A 38 21.13 -2.79 11.33
N VAL A 39 21.45 -3.97 10.81
CA VAL A 39 21.93 -4.10 9.44
C VAL A 39 20.79 -3.84 8.44
N VAL A 40 19.65 -4.50 8.64
CA VAL A 40 18.52 -4.42 7.71
C VAL A 40 18.00 -2.99 7.58
N SER A 41 18.19 -2.19 8.63
CA SER A 41 17.61 -0.86 8.66
CA SER A 41 17.63 -0.83 8.70
C SER A 41 18.40 0.19 7.90
N VAL A 42 19.60 -0.18 7.40
CA VAL A 42 20.38 0.69 6.56
C VAL A 42 20.24 0.15 5.11
N PRO A 43 19.71 0.98 4.20
CA PRO A 43 19.46 0.44 2.85
C PRO A 43 20.75 0.00 2.16
N GLU A 44 20.66 -1.09 1.39
CA GLU A 44 21.77 -1.59 0.61
C GLU A 44 22.30 -0.50 -0.33
N ARG A 45 21.39 0.18 -1.02
CA ARG A 45 21.78 1.21 -2.00
C ARG A 45 20.68 2.23 -2.17
N VAL A 46 21.05 3.48 -2.37
CA VAL A 46 20.12 4.53 -2.73
C VAL A 46 20.75 5.26 -3.90
N ILE A 47 19.95 5.47 -4.95
CA ILE A 47 20.33 6.33 -6.06
C ILE A 47 19.43 7.55 -6.04
N GLN A 48 20.02 8.73 -6.14
CA GLN A 48 19.28 9.97 -6.33
C GLN A 48 19.82 10.63 -7.58
N PHE A 49 18.99 11.32 -8.32
CA PHE A 49 19.45 11.92 -9.53
C PHE A 49 18.62 13.12 -9.92
N ARG A 50 19.26 14.04 -10.64
CA ARG A 50 18.55 15.19 -11.20
C ARG A 50 17.71 14.75 -12.39
N VAL A 51 16.49 15.26 -12.50
CA VAL A 51 15.68 15.06 -13.69
C VAL A 51 15.33 16.42 -14.32
N VAL A 52 16.01 16.75 -15.42
CA VAL A 52 15.69 17.93 -16.23
C VAL A 52 14.71 17.51 -17.31
N TRP A 53 13.63 18.28 -17.48
CA TRP A 53 12.63 18.00 -18.49
C TRP A 53 12.06 19.34 -19.03
N GLU A 54 11.48 19.26 -20.21
CA GLU A 54 11.00 20.44 -20.94
C GLU A 54 9.48 20.55 -20.82
N ASP A 55 8.98 21.70 -20.37
CA ASP A 55 7.52 21.87 -20.30
C ASP A 55 6.94 22.29 -21.66
N ASP A 56 5.61 22.39 -21.75
CA ASP A 56 4.95 22.67 -23.04
C ASP A 56 5.26 24.06 -23.58
N ALA A 57 5.76 24.95 -22.72
CA ALA A 57 6.22 26.30 -23.16
C ALA A 57 7.68 26.35 -23.59
N GLY A 58 8.40 25.23 -23.51
CA GLY A 58 9.82 25.18 -23.81
C GLY A 58 10.74 25.53 -22.66
N ASN A 59 10.21 25.66 -21.44
CA ASN A 59 11.04 26.04 -20.30
C ASN A 59 11.73 24.82 -19.69
N VAL A 60 12.94 25.04 -19.17
CA VAL A 60 13.63 24.01 -18.41
CA VAL A 60 13.66 24.05 -18.37
C VAL A 60 12.93 23.84 -17.06
N GLN A 61 12.65 22.60 -16.68
CA GLN A 61 12.14 22.26 -15.37
C GLN A 61 13.09 21.24 -14.72
N VAL A 62 13.21 21.29 -13.40
CA VAL A 62 14.10 20.41 -12.65
C VAL A 62 13.36 19.76 -11.52
N ASN A 63 13.44 18.43 -11.44
CA ASN A 63 12.90 17.66 -10.32
C ASN A 63 13.96 16.68 -9.88
N ARG A 64 13.67 16.02 -8.77
CA ARG A 64 14.59 15.09 -8.15
C ARG A 64 14.02 13.69 -8.28
N GLY A 65 14.90 12.74 -8.61
CA GLY A 65 14.55 11.33 -8.82
C GLY A 65 15.24 10.48 -7.79
N PHE A 66 14.63 9.35 -7.43
CA PHE A 66 15.10 8.52 -6.34
C PHE A 66 14.78 7.06 -6.64
N ARG A 67 15.71 6.18 -6.24
CA ARG A 67 15.39 4.77 -6.07
C ARG A 67 16.15 4.22 -4.86
N VAL A 68 15.38 3.79 -3.86
CA VAL A 68 15.89 3.15 -2.67
C VAL A 68 15.81 1.66 -2.89
N GLN A 69 16.98 1.01 -2.86
CA GLN A 69 17.12 -0.41 -3.02
C GLN A 69 17.46 -0.97 -1.64
N PHE A 70 16.42 -1.27 -0.87
CA PHE A 70 16.58 -1.43 0.57
C PHE A 70 17.18 -2.77 0.96
N ASN A 71 16.61 -3.86 0.46
CA ASN A 71 17.03 -5.19 0.83
C ASN A 71 16.77 -6.18 -0.30
N SER A 72 17.74 -7.05 -0.55
CA SER A 72 17.60 -8.05 -1.63
C SER A 72 17.86 -9.49 -1.18
N ALA A 73 17.76 -9.76 0.13
CA ALA A 73 17.95 -11.13 0.60
C ALA A 73 17.01 -12.15 -0.05
N LEU A 74 15.73 -11.80 -0.17
CA LEU A 74 14.70 -12.68 -0.73
C LEU A 74 14.46 -12.59 -2.21
N GLY A 75 14.99 -11.55 -2.85
CA GLY A 75 14.81 -11.43 -4.28
C GLY A 75 15.26 -10.09 -4.80
N PRO A 76 15.07 -9.87 -6.08
CA PRO A 76 15.42 -8.55 -6.61
C PRO A 76 14.57 -7.48 -5.97
N TYR A 77 15.08 -6.25 -5.94
CA TYR A 77 14.36 -5.15 -5.26
C TYR A 77 13.00 -4.96 -5.93
N LYS A 78 11.95 -4.69 -5.14
CA LYS A 78 10.64 -4.62 -5.70
C LYS A 78 9.82 -3.61 -4.90
N GLY A 79 9.15 -2.73 -5.63
CA GLY A 79 8.25 -1.76 -5.04
C GLY A 79 8.00 -0.61 -6.01
N GLY A 80 7.00 0.19 -5.71
CA GLY A 80 6.55 1.24 -6.62
C GLY A 80 7.37 2.50 -6.73
N LEU A 81 6.94 3.32 -7.70
CA LEU A 81 7.45 4.66 -7.88
C LEU A 81 6.30 5.63 -7.49
N ARG A 82 6.62 6.61 -6.65
CA ARG A 82 5.66 7.64 -6.23
C ARG A 82 6.09 8.96 -6.87
N PHE A 83 5.19 9.57 -7.63
CA PHE A 83 5.38 10.92 -8.14
C PHE A 83 4.38 11.82 -7.36
N HIS A 84 4.92 12.57 -6.41
CA HIS A 84 4.10 13.43 -5.55
C HIS A 84 5.02 14.52 -4.99
N PRO A 85 4.51 15.78 -4.86
CA PRO A 85 5.40 16.88 -4.43
C PRO A 85 6.02 16.75 -3.04
N SER A 86 5.47 15.91 -2.18
CA SER A 86 6.03 15.59 -0.87
C SER A 86 7.30 14.70 -0.90
N VAL A 87 7.54 14.03 -2.02
CA VAL A 87 8.55 12.99 -2.07
C VAL A 87 9.94 13.51 -1.66
N ASN A 88 10.55 12.73 -0.80
CA ASN A 88 11.94 12.90 -0.42
C ASN A 88 12.47 11.55 0.03
N LEU A 89 13.72 11.51 0.47
CA LEU A 89 14.38 10.29 0.83
C LEU A 89 13.75 9.64 2.05
N SER A 90 13.37 10.46 3.04
CA SER A 90 12.71 9.96 4.25
C SER A 90 11.46 9.15 3.93
N ILE A 91 10.58 9.71 3.11
CA ILE A 91 9.35 9.04 2.72
C ILE A 91 9.64 7.73 1.97
N LEU A 92 10.53 7.80 1.00
CA LEU A 92 10.84 6.60 0.21
C LEU A 92 11.53 5.52 1.03
N LYS A 93 12.30 5.91 2.02
CA LYS A 93 12.87 4.96 2.96
C LYS A 93 11.84 4.29 3.87
N PHE A 94 10.85 5.05 4.35
CA PHE A 94 9.79 4.42 5.14
C PHE A 94 9.11 3.37 4.25
N LEU A 95 8.75 3.77 3.03
CA LEU A 95 8.07 2.88 2.10
C LEU A 95 8.90 1.66 1.75
N GLY A 96 10.17 1.88 1.42
CA GLY A 96 11.07 0.77 1.05
C GLY A 96 11.36 -0.17 2.22
N PHE A 97 11.45 0.38 3.43
CA PHE A 97 11.66 -0.43 4.63
C PHE A 97 10.47 -1.36 4.86
N GLU A 98 9.28 -0.77 4.86
CA GLU A 98 8.02 -1.55 4.92
C GLU A 98 7.95 -2.63 3.85
N GLN A 99 8.34 -2.24 2.64
CA GLN A 99 8.31 -3.13 1.48
C GLN A 99 9.06 -4.43 1.71
N ILE A 100 10.17 -4.36 2.43
CA ILE A 100 10.99 -5.55 2.67
C ILE A 100 10.16 -6.63 3.32
N PHE A 101 9.45 -6.23 4.38
CA PHE A 101 8.74 -7.18 5.24
C PHE A 101 7.41 -7.60 4.63
N LYS A 102 6.75 -6.67 3.95
CA LYS A 102 5.57 -6.96 3.15
C LYS A 102 5.86 -8.02 2.10
N ASN A 103 6.95 -7.80 1.36
CA ASN A 103 7.31 -8.74 0.33
C ASN A 103 7.58 -10.13 0.87
N ALA A 104 8.25 -10.19 2.01
CA ALA A 104 8.50 -11.44 2.70
C ALA A 104 7.20 -12.21 3.02
N LEU A 105 6.16 -11.48 3.39
CA LEU A 105 4.86 -12.07 3.74
C LEU A 105 4.08 -12.65 2.55
N THR A 106 4.42 -12.26 1.31
CA THR A 106 3.76 -12.79 0.13
C THR A 106 4.15 -14.20 -0.20
N GLY A 107 5.28 -14.64 0.32
CA GLY A 107 5.82 -15.93 -0.04
C GLY A 107 6.56 -15.95 -1.39
N LEU A 108 6.65 -14.79 -2.07
CA LEU A 108 7.35 -14.70 -3.34
C LEU A 108 8.74 -14.13 -3.12
N ASN A 109 9.61 -14.33 -4.11
CA ASN A 109 11.01 -13.91 -4.01
C ASN A 109 11.19 -12.50 -4.53
N MET A 110 10.94 -11.54 -3.64
CA MET A 110 11.01 -10.12 -3.92
C MET A 110 11.64 -9.41 -2.72
N GLY A 111 12.70 -8.66 -3.02
CA GLY A 111 13.36 -7.78 -2.08
C GLY A 111 12.56 -6.50 -2.00
N GLY A 112 12.97 -5.59 -1.14
CA GLY A 112 12.26 -4.34 -0.91
C GLY A 112 12.96 -3.15 -1.50
N GLY A 113 12.20 -2.37 -2.26
CA GLY A 113 12.65 -1.07 -2.73
C GLY A 113 11.51 -0.09 -2.94
N LYS A 114 11.87 1.16 -3.17
CA LYS A 114 10.89 2.20 -3.48
C LYS A 114 11.59 3.37 -4.13
N GLY A 115 10.92 4.04 -5.05
CA GLY A 115 11.48 5.21 -5.66
C GLY A 115 10.44 6.21 -6.07
N GLY A 116 10.87 7.19 -6.85
CA GLY A 116 9.94 8.16 -7.34
C GLY A 116 10.58 9.50 -7.53
N SER A 117 9.74 10.52 -7.46
CA SER A 117 10.14 11.86 -7.72
C SER A 117 9.23 12.85 -7.02
N ASP A 118 9.78 14.02 -6.73
CA ASP A 118 8.95 15.16 -6.30
C ASP A 118 8.13 15.84 -7.42
N PHE A 119 8.23 15.35 -8.66
CA PHE A 119 7.39 15.76 -9.78
C PHE A 119 5.91 15.56 -9.40
N ASP A 120 5.12 16.56 -9.71
CA ASP A 120 3.69 16.56 -9.38
C ASP A 120 2.93 16.44 -10.66
N PRO A 121 2.31 15.29 -10.92
CA PRO A 121 1.57 15.15 -12.18
C PRO A 121 0.35 16.11 -12.33
N LYS A 122 -0.19 16.58 -11.21
CA LYS A 122 -1.35 17.51 -11.26
C LYS A 122 -0.96 18.80 -11.95
N GLY A 123 -1.79 19.24 -12.90
CA GLY A 123 -1.52 20.48 -13.64
C GLY A 123 -0.62 20.29 -14.84
N LYS A 124 -0.15 19.06 -15.09
CA LYS A 124 0.72 18.77 -16.21
C LYS A 124 -0.13 18.23 -17.33
N SER A 125 0.27 18.50 -18.56
CA SER A 125 -0.28 17.84 -19.74
C SER A 125 0.26 16.40 -19.84
N ASP A 126 -0.44 15.56 -20.60
CA ASP A 126 0.06 14.21 -20.87
C ASP A 126 1.43 14.28 -21.56
N ASN A 127 1.61 15.25 -22.46
CA ASN A 127 2.90 15.48 -23.11
C ASN A 127 4.01 15.80 -22.11
N GLU A 128 3.71 16.64 -21.12
CA GLU A 128 4.69 16.95 -20.08
C GLU A 128 5.04 15.73 -19.25
N ILE A 129 4.03 14.95 -18.90
CA ILE A 129 4.26 13.69 -18.17
C ILE A 129 5.14 12.73 -18.99
N ARG A 130 4.88 12.64 -20.29
CA ARG A 130 5.69 11.82 -21.17
C ARG A 130 7.14 12.28 -21.13
N ARG A 131 7.39 13.58 -21.34
CA ARG A 131 8.78 14.07 -21.33
C ARG A 131 9.48 13.83 -19.99
N PHE A 132 8.75 14.03 -18.90
CA PHE A 132 9.30 13.79 -17.58
C PHE A 132 9.71 12.31 -17.41
N CYS A 133 8.82 11.39 -17.80
CA CYS A 133 9.07 9.95 -17.66
C CYS A 133 10.27 9.53 -18.51
N VAL A 134 10.36 10.06 -19.73
CA VAL A 134 11.50 9.83 -20.61
C VAL A 134 12.81 10.23 -19.94
N SER A 135 12.88 11.46 -19.43
CA SER A 135 14.07 11.95 -18.70
CA SER A 135 14.07 11.95 -18.72
C SER A 135 14.37 11.11 -17.48
N PHE A 136 13.35 10.87 -16.69
CA PHE A 136 13.49 10.07 -15.45
C PHE A 136 14.08 8.66 -15.71
N MET A 137 13.52 7.94 -16.67
CA MET A 137 13.99 6.60 -16.94
C MET A 137 15.35 6.57 -17.63
N THR A 138 15.70 7.64 -18.35
CA THR A 138 17.00 7.75 -18.96
C THR A 138 18.08 7.51 -17.91
N GLU A 139 17.89 8.04 -16.71
CA GLU A 139 18.84 7.74 -15.63
C GLU A 139 18.51 6.44 -14.91
N LEU A 140 17.25 6.24 -14.54
CA LEU A 140 16.90 5.08 -13.74
C LEU A 140 17.25 3.73 -14.38
N CYS A 141 17.20 3.65 -15.72
CA CYS A 141 17.47 2.41 -16.42
C CYS A 141 18.89 1.86 -16.21
N LYS A 142 19.82 2.68 -15.75
CA LYS A 142 21.16 2.18 -15.41
C LYS A 142 21.11 1.25 -14.18
N HIS A 143 20.08 1.38 -13.34
CA HIS A 143 20.10 0.82 -11.98
C HIS A 143 19.11 -0.29 -11.71
N ILE A 144 18.26 -0.58 -12.69
CA ILE A 144 17.16 -1.50 -12.55
C ILE A 144 17.25 -2.57 -13.65
N GLY A 145 16.42 -3.59 -13.52
CA GLY A 145 16.39 -4.67 -14.51
C GLY A 145 15.55 -5.80 -13.98
N ALA A 146 15.13 -6.68 -14.87
CA ALA A 146 14.23 -7.77 -14.53
C ALA A 146 14.73 -8.71 -13.41
N ASP A 147 16.05 -8.83 -13.24
CA ASP A 147 16.63 -9.63 -12.15
C ASP A 147 17.39 -8.77 -11.13
N THR A 148 17.10 -7.49 -11.11
CA THR A 148 17.84 -6.54 -10.26
C THR A 148 16.90 -5.74 -9.39
N ASP A 149 16.01 -5.02 -10.07
CA ASP A 149 15.06 -4.12 -9.42
C ASP A 149 13.91 -3.90 -10.37
N VAL A 150 12.69 -4.19 -9.89
CA VAL A 150 11.49 -4.14 -10.69
C VAL A 150 10.48 -3.15 -10.10
N PRO A 151 10.47 -1.90 -10.61
CA PRO A 151 9.50 -0.92 -10.08
C PRO A 151 8.10 -1.12 -10.67
N ALA A 152 7.20 -0.21 -10.30
CA ALA A 152 5.80 -0.25 -10.70
C ALA A 152 5.22 1.10 -10.29
N GLY A 153 3.89 1.24 -10.30
CA GLY A 153 3.26 2.52 -9.97
C GLY A 153 2.63 2.59 -8.58
N ASP A 154 3.14 3.51 -7.77
CA ASP A 154 2.56 3.88 -6.47
C ASP A 154 1.75 5.18 -6.70
N ILE A 155 1.70 6.08 -5.72
CA ILE A 155 0.91 7.31 -5.85
C ILE A 155 1.43 8.15 -7.01
N GLY A 156 0.53 8.54 -7.90
CA GLY A 156 0.86 9.41 -9.01
C GLY A 156 1.41 8.69 -10.24
N VAL A 157 1.54 7.38 -10.17
CA VAL A 157 2.11 6.62 -11.26
C VAL A 157 1.11 5.57 -11.67
N THR A 158 0.45 5.80 -12.81
CA THR A 158 -0.57 4.87 -13.36
C THR A 158 0.03 4.07 -14.50
N GLY A 159 -0.82 3.25 -15.14
CA GLY A 159 -0.46 2.53 -16.35
C GLY A 159 0.08 3.44 -17.45
N ARG A 160 -0.41 4.68 -17.51
CA ARG A 160 0.09 5.67 -18.47
C ARG A 160 1.61 5.95 -18.26
N GLU A 161 1.98 6.26 -17.04
CA GLU A 161 3.36 6.56 -16.70
C GLU A 161 4.22 5.28 -16.84
N VAL A 162 3.69 4.14 -16.39
CA VAL A 162 4.40 2.87 -16.57
C VAL A 162 4.76 2.63 -18.03
N GLY A 163 3.81 2.91 -18.93
CA GLY A 163 4.04 2.79 -20.37
C GLY A 163 5.17 3.67 -20.90
N PHE A 164 5.17 4.94 -20.51
CA PHE A 164 6.20 5.84 -20.97
C PHE A 164 7.56 5.40 -20.40
N LEU A 165 7.57 4.99 -19.14
CA LEU A 165 8.78 4.50 -18.49
C LEU A 165 9.31 3.24 -19.18
N PHE A 166 8.41 2.29 -19.42
CA PHE A 166 8.79 1.04 -20.07
C PHE A 166 9.35 1.26 -21.46
N GLY A 167 8.68 2.12 -22.23
CA GLY A 167 9.17 2.50 -23.56
C GLY A 167 10.60 3.00 -23.57
N GLN A 168 10.88 3.95 -22.69
CA GLN A 168 12.23 4.53 -22.64
C GLN A 168 13.27 3.51 -22.16
N TYR A 169 12.90 2.66 -21.19
CA TYR A 169 13.81 1.59 -20.78
C TYR A 169 14.21 0.72 -21.98
N ARG A 170 13.21 0.24 -22.73
CA ARG A 170 13.47 -0.62 -23.90
C ARG A 170 14.36 0.10 -24.90
N LYS A 171 14.06 1.38 -25.13
CA LYS A 171 14.82 2.15 -26.09
C LYS A 171 16.32 2.16 -25.74
N ILE A 172 16.67 2.43 -24.47
CA ILE A 172 18.05 2.48 -24.09
C ILE A 172 18.70 1.12 -23.88
N ARG A 173 18.02 0.25 -23.15
CA ARG A 173 18.63 -1.00 -22.70
C ARG A 173 18.61 -2.07 -23.79
N ASN A 174 17.71 -1.93 -24.77
CA ASN A 174 17.60 -2.90 -25.87
C ASN A 174 17.30 -4.33 -25.36
N GLN A 175 16.43 -4.40 -24.35
CA GLN A 175 15.95 -5.66 -23.78
C GLN A 175 14.47 -5.48 -23.48
N TRP A 176 13.68 -6.48 -23.81
CA TRP A 176 12.25 -6.47 -23.58
C TRP A 176 12.05 -7.48 -22.47
N GLU A 177 11.84 -7.00 -21.25
CA GLU A 177 11.80 -7.89 -20.09
C GLU A 177 10.90 -7.30 -19.01
N GLY A 178 10.63 -8.10 -17.98
CA GLY A 178 9.75 -7.69 -16.88
C GLY A 178 10.43 -6.75 -15.89
N VAL A 179 10.87 -5.59 -16.36
CA VAL A 179 11.60 -4.63 -15.53
C VAL A 179 10.63 -3.73 -14.72
N LEU A 180 9.41 -3.63 -15.20
CA LEU A 180 8.33 -2.89 -14.54
C LEU A 180 7.16 -3.82 -14.47
N THR A 181 6.34 -3.64 -13.44
CA THR A 181 5.03 -4.27 -13.37
C THR A 181 3.95 -3.18 -13.34
N GLY A 182 2.68 -3.61 -13.44
CA GLY A 182 1.59 -2.69 -13.80
C GLY A 182 1.59 -2.36 -15.27
N LYS A 183 2.17 -3.24 -16.10
CA LYS A 183 2.19 -3.02 -17.53
C LYS A 183 0.82 -3.33 -18.16
N GLY A 184 0.64 -2.85 -19.38
CA GLY A 184 -0.58 -2.95 -20.16
C GLY A 184 -0.76 -4.37 -20.69
N GLY A 185 -2.01 -4.73 -20.95
CA GLY A 185 -2.39 -6.08 -21.37
C GLY A 185 -1.67 -6.65 -22.58
N SER A 186 -1.41 -5.82 -23.60
CA SER A 186 -0.75 -6.32 -24.78
C SER A 186 0.79 -6.33 -24.68
N TRP A 187 1.33 -5.66 -23.67
CA TRP A 187 2.81 -5.53 -23.54
C TRP A 187 3.28 -5.98 -22.14
N GLY A 188 2.87 -7.19 -21.79
CA GLY A 188 3.36 -7.89 -20.62
C GLY A 188 2.68 -7.69 -19.30
N GLY A 189 1.50 -7.08 -19.31
CA GLY A 189 0.73 -6.89 -18.08
C GLY A 189 0.05 -8.14 -17.57
N SER A 190 -0.41 -8.09 -16.33
CA SER A 190 -1.13 -9.22 -15.74
C SER A 190 -2.58 -8.83 -15.54
N LEU A 191 -3.48 -9.72 -15.91
CA LEU A 191 -4.86 -9.64 -15.39
C LEU A 191 -4.81 -9.60 -13.88
N ILE A 192 -5.78 -8.88 -13.29
CA ILE A 192 -5.94 -8.72 -11.85
C ILE A 192 -4.95 -7.75 -11.21
N ARG A 193 -3.91 -7.28 -11.93
CA ARG A 193 -2.98 -6.33 -11.29
C ARG A 193 -3.64 -5.00 -10.89
N PRO A 194 -4.46 -4.40 -11.77
CA PRO A 194 -5.16 -3.17 -11.32
C PRO A 194 -6.01 -3.40 -10.05
N GLU A 195 -6.69 -4.54 -10.01
CA GLU A 195 -7.57 -4.91 -8.91
CA GLU A 195 -7.58 -4.95 -8.91
C GLU A 195 -6.84 -5.34 -7.64
N ALA A 196 -5.58 -5.74 -7.78
CA ALA A 196 -4.92 -6.56 -6.77
C ALA A 196 -4.84 -6.01 -5.36
N THR A 197 -4.50 -4.74 -5.22
CA THR A 197 -4.27 -4.22 -3.86
C THR A 197 -5.63 -4.09 -3.10
N GLY A 198 -6.59 -3.41 -3.71
CA GLY A 198 -7.95 -3.25 -3.15
C GLY A 198 -8.64 -4.59 -2.91
N TYR A 199 -8.62 -5.48 -3.90
CA TYR A 199 -9.14 -6.83 -3.70
C TYR A 199 -8.46 -7.53 -2.55
N GLY A 200 -7.12 -7.44 -2.49
CA GLY A 200 -6.37 -8.11 -1.47
C GLY A 200 -6.64 -7.63 -0.07
N VAL A 201 -6.83 -6.32 0.08
CA VAL A 201 -7.14 -5.73 1.38
C VAL A 201 -8.48 -6.34 1.87
N VAL A 202 -9.44 -6.42 0.97
CA VAL A 202 -10.79 -6.91 1.29
C VAL A 202 -10.74 -8.41 1.59
N TYR A 203 -9.97 -9.16 0.79
CA TYR A 203 -9.74 -10.60 1.06
C TYR A 203 -9.17 -10.83 2.44
N TYR A 204 -8.18 -10.02 2.83
CA TYR A 204 -7.55 -10.15 4.13
C TYR A 204 -8.56 -9.86 5.26
N VAL A 205 -9.31 -8.79 5.11
CA VAL A 205 -10.32 -8.41 6.11
C VAL A 205 -11.41 -9.50 6.23
N GLU A 206 -11.76 -10.15 5.12
CA GLU A 206 -12.67 -11.31 5.19
C GLU A 206 -12.21 -12.36 6.17
N HIS A 207 -10.91 -12.67 6.16
CA HIS A 207 -10.34 -13.59 7.14
C HIS A 207 -10.37 -13.05 8.55
N MET A 208 -10.14 -11.76 8.71
CA MET A 208 -10.24 -11.12 10.00
C MET A 208 -11.69 -11.25 10.57
N ILE A 209 -12.67 -10.94 9.74
CA ILE A 209 -14.06 -10.98 10.14
C ILE A 209 -14.43 -12.43 10.52
N ALA A 210 -14.15 -13.37 9.62
CA ALA A 210 -14.41 -14.79 9.86
C ALA A 210 -13.79 -15.32 11.15
N HIS A 211 -12.58 -14.87 11.48
CA HIS A 211 -11.93 -15.31 12.69
C HIS A 211 -12.53 -14.65 13.93
N ALA A 212 -12.67 -13.32 13.91
CA ALA A 212 -13.13 -12.59 15.10
C ALA A 212 -14.58 -12.94 15.50
N THR A 213 -15.41 -13.27 14.52
CA THR A 213 -16.83 -13.53 14.72
C THR A 213 -17.18 -15.01 14.62
N ASN A 214 -16.17 -15.86 14.62
CA ASN A 214 -16.35 -17.31 14.54
C ASN A 214 -17.19 -17.75 13.34
N GLY A 215 -16.99 -17.10 12.20
CA GLY A 215 -17.74 -17.40 10.99
C GLY A 215 -19.16 -16.87 10.93
N GLN A 216 -19.58 -16.06 11.91
CA GLN A 216 -20.97 -15.59 11.98
C GLN A 216 -21.25 -14.39 11.08
N GLU A 217 -20.23 -13.56 10.85
CA GLU A 217 -20.38 -12.38 10.00
C GLU A 217 -19.44 -12.44 8.80
N SER A 218 -19.69 -11.54 7.86
CA SER A 218 -18.86 -11.36 6.67
C SER A 218 -18.98 -9.89 6.25
N PHE A 219 -18.55 -9.54 5.05
CA PHE A 219 -18.79 -8.19 4.52
C PHE A 219 -20.26 -7.94 4.19
N LYS A 220 -21.06 -8.99 4.01
CA LYS A 220 -22.46 -8.81 3.63
C LYS A 220 -23.18 -7.97 4.70
N GLY A 221 -23.76 -6.85 4.27
CA GLY A 221 -24.44 -5.93 5.17
C GLY A 221 -23.57 -4.93 5.92
N LYS A 222 -22.25 -5.04 5.84
CA LYS A 222 -21.37 -4.11 6.59
C LYS A 222 -21.19 -2.80 5.85
N ARG A 223 -20.95 -1.75 6.63
CA ARG A 223 -20.68 -0.41 6.12
C ARG A 223 -19.16 -0.18 6.21
N VAL A 224 -18.58 0.21 5.08
CA VAL A 224 -17.11 0.34 4.93
C VAL A 224 -16.75 1.76 4.53
N ALA A 225 -16.01 2.45 5.40
CA ALA A 225 -15.49 3.76 5.11
C ALA A 225 -14.10 3.55 4.43
N ILE A 226 -13.92 4.15 3.28
CA ILE A 226 -12.66 4.09 2.50
C ILE A 226 -12.21 5.53 2.32
N SER A 227 -10.88 5.75 2.33
CA SER A 227 -10.29 7.03 1.96
C SER A 227 -9.42 6.88 0.70
N GLY A 228 -9.17 7.99 0.04
CA GLY A 228 -8.61 7.98 -1.29
C GLY A 228 -9.67 7.62 -2.31
N SER A 229 -9.33 7.86 -3.56
CA SER A 229 -10.16 7.53 -4.70
C SER A 229 -9.30 7.13 -5.90
N GLY A 230 -8.13 6.56 -5.63
CA GLY A 230 -7.24 6.12 -6.69
C GLY A 230 -7.33 4.62 -6.83
N ASN A 231 -6.20 4.00 -7.16
CA ASN A 231 -6.22 2.60 -7.54
C ASN A 231 -6.66 1.69 -6.39
N VAL A 232 -6.11 1.88 -5.22
CA VAL A 232 -6.40 1.01 -4.08
C VAL A 232 -7.88 1.18 -3.64
N ALA A 233 -8.30 2.43 -3.48
CA ALA A 233 -9.66 2.78 -3.02
C ALA A 233 -10.73 2.27 -3.98
N GLN A 234 -10.52 2.48 -5.27
CA GLN A 234 -11.46 2.09 -6.30
C GLN A 234 -11.77 0.61 -6.26
N TYR A 235 -10.72 -0.22 -6.26
CA TYR A 235 -10.94 -1.66 -6.33
C TYR A 235 -11.29 -2.30 -4.99
N ALA A 236 -10.83 -1.72 -3.89
CA ALA A 236 -11.32 -2.11 -2.58
C ALA A 236 -12.87 -1.90 -2.54
N ALA A 237 -13.31 -0.73 -3.00
CA ALA A 237 -14.75 -0.41 -3.08
C ALA A 237 -15.51 -1.40 -3.92
N LEU A 238 -14.98 -1.73 -5.09
CA LEU A 238 -15.62 -2.72 -5.96
C LEU A 238 -15.76 -4.10 -5.33
N LYS A 239 -14.73 -4.56 -4.63
CA LYS A 239 -14.78 -5.86 -4.01
C LYS A 239 -15.82 -5.88 -2.85
N VAL A 240 -15.79 -4.85 -2.01
CA VAL A 240 -16.77 -4.68 -0.93
C VAL A 240 -18.19 -4.81 -1.49
N ILE A 241 -18.48 -4.04 -2.53
CA ILE A 241 -19.79 -4.07 -3.21
C ILE A 241 -20.12 -5.48 -3.67
N GLU A 242 -19.19 -6.12 -4.36
CA GLU A 242 -19.38 -7.51 -4.81
C GLU A 242 -19.68 -8.49 -3.67
N LEU A 243 -19.10 -8.29 -2.48
CA LEU A 243 -19.36 -9.17 -1.35
C LEU A 243 -20.64 -8.80 -0.55
N GLY A 244 -21.41 -7.82 -1.06
CA GLY A 244 -22.65 -7.36 -0.46
C GLY A 244 -22.49 -6.36 0.67
N GLY A 245 -21.34 -5.68 0.71
CA GLY A 245 -21.07 -4.65 1.71
C GLY A 245 -21.43 -3.33 1.12
N SER A 246 -21.45 -2.29 1.94
CA SER A 246 -21.68 -0.93 1.48
C SER A 246 -20.45 -0.06 1.63
N VAL A 247 -20.12 0.67 0.56
CA VAL A 247 -19.02 1.62 0.57
C VAL A 247 -19.59 3.01 0.83
N VAL A 248 -19.25 3.57 1.98
CA VAL A 248 -19.89 4.80 2.44
C VAL A 248 -19.04 6.05 2.37
N SER A 249 -17.79 5.92 1.92
CA SER A 249 -16.97 7.09 1.70
C SER A 249 -15.86 6.79 0.68
N LEU A 250 -15.46 7.84 -0.02
CA LEU A 250 -14.17 7.94 -0.73
C LEU A 250 -13.68 9.35 -0.42
N SER A 251 -12.39 9.61 -0.66
CA SER A 251 -11.81 10.95 -0.52
C SER A 251 -10.65 11.20 -1.49
N ASP A 252 -10.21 12.45 -1.56
CA ASP A 252 -8.96 12.80 -2.23
C ASP A 252 -8.27 13.86 -1.41
N SER A 253 -7.26 14.52 -1.96
CA SER A 253 -6.44 15.46 -1.18
C SER A 253 -7.20 16.74 -0.81
N GLN A 254 -8.31 17.01 -1.49
CA GLN A 254 -9.09 18.24 -1.27
C GLN A 254 -10.35 18.07 -0.40
N GLY A 255 -10.87 16.85 -0.31
CA GLY A 255 -12.02 16.59 0.58
C GLY A 255 -12.53 15.17 0.49
N SER A 256 -13.63 14.91 1.21
CA SER A 256 -14.28 13.60 1.24
C SER A 256 -15.64 13.67 0.57
N LEU A 257 -16.01 12.56 -0.06
CA LEU A 257 -17.31 12.37 -0.68
C LEU A 257 -17.93 11.19 0.07
N ILE A 258 -18.92 11.50 0.93
CA ILE A 258 -19.56 10.54 1.84
CA ILE A 258 -19.53 10.49 1.79
C ILE A 258 -20.95 10.16 1.33
N ILE A 259 -21.36 8.94 1.62
CA ILE A 259 -22.72 8.51 1.34
C ILE A 259 -23.58 9.12 2.45
N ASN A 260 -24.68 9.75 2.05
CA ASN A 260 -25.59 10.41 2.99
C ASN A 260 -26.65 9.41 3.43
N GLY A 261 -26.46 8.86 4.62
CA GLY A 261 -27.35 7.85 5.15
C GLY A 261 -26.92 6.44 4.81
N GLU A 262 -27.91 5.57 4.70
CA GLU A 262 -27.72 4.19 4.33
C GLU A 262 -27.69 4.13 2.81
N GLY A 263 -26.82 3.28 2.27
CA GLY A 263 -26.62 3.19 0.81
C GLY A 263 -25.14 2.93 0.51
N SER A 264 -24.81 2.96 -0.77
CA SER A 264 -23.45 2.64 -1.22
C SER A 264 -23.09 3.33 -2.52
N PHE A 265 -21.79 3.59 -2.70
CA PHE A 265 -21.29 3.81 -4.04
C PHE A 265 -21.63 2.60 -4.89
N THR A 266 -21.93 2.88 -6.14
CA THR A 266 -22.26 1.89 -7.14
CA THR A 266 -22.23 1.85 -7.14
C THR A 266 -20.99 1.61 -8.01
N PRO A 267 -20.89 0.43 -8.66
CA PRO A 267 -19.77 0.25 -9.60
C PRO A 267 -19.70 1.31 -10.70
N GLU A 268 -20.86 1.72 -11.21
CA GLU A 268 -20.94 2.78 -12.21
C GLU A 268 -20.39 4.11 -11.71
N GLU A 269 -20.68 4.47 -10.46
CA GLU A 269 -20.14 5.68 -9.85
C GLU A 269 -18.60 5.59 -9.64
N ILE A 270 -18.13 4.42 -9.26
CA ILE A 270 -16.67 4.19 -9.10
C ILE A 270 -15.98 4.43 -10.45
N GLU A 271 -16.57 3.90 -11.53
CA GLU A 271 -16.05 4.09 -12.90
C GLU A 271 -15.96 5.55 -13.28
N LEU A 272 -16.99 6.35 -12.95
CA LEU A 272 -16.94 7.78 -13.23
C LEU A 272 -15.84 8.48 -12.44
N ILE A 273 -15.66 8.07 -11.18
CA ILE A 273 -14.61 8.63 -10.36
C ILE A 273 -13.24 8.22 -10.94
N ALA A 274 -13.14 6.97 -11.38
CA ALA A 274 -11.92 6.46 -12.03
C ALA A 274 -11.54 7.33 -13.22
N GLN A 275 -12.53 7.63 -14.09
CA GLN A 275 -12.27 8.44 -15.27
CA GLN A 275 -12.32 8.46 -15.28
C GLN A 275 -11.84 9.87 -14.90
N THR A 276 -12.43 10.42 -13.84
CA THR A 276 -12.04 11.74 -13.33
C THR A 276 -10.58 11.78 -12.86
N LYS A 277 -10.18 10.71 -12.17
CA LYS A 277 -8.82 10.59 -11.66
C LYS A 277 -7.79 10.31 -12.76
N VAL A 278 -8.19 9.58 -13.81
CA VAL A 278 -7.37 9.41 -15.00
C VAL A 278 -7.02 10.79 -15.56
N GLU A 279 -7.98 11.72 -15.53
CA GLU A 279 -7.77 13.09 -15.99
C GLU A 279 -7.10 14.00 -14.94
N ARG A 280 -6.76 13.44 -13.79
CA ARG A 280 -6.04 14.14 -12.70
C ARG A 280 -6.86 15.31 -12.15
N LYS A 281 -8.18 15.08 -12.06
CA LYS A 281 -9.13 16.05 -11.53
C LYS A 281 -9.58 15.65 -10.14
N GLN A 282 -10.05 16.63 -9.37
CA GLN A 282 -10.50 16.40 -8.01
C GLN A 282 -11.97 15.99 -7.97
N LEU A 283 -12.34 15.28 -6.92
CA LEU A 283 -13.75 14.94 -6.64
C LEU A 283 -14.60 16.22 -6.60
N ALA A 284 -14.05 17.29 -6.04
CA ALA A 284 -14.69 18.61 -6.02
C ALA A 284 -15.17 19.11 -7.39
N SER A 285 -14.50 18.69 -8.47
CA SER A 285 -14.86 19.09 -9.82
C SER A 285 -16.06 18.34 -10.42
N ILE A 286 -16.52 17.26 -9.80
CA ILE A 286 -17.64 16.46 -10.34
C ILE A 286 -18.93 16.50 -9.51
N VAL A 287 -18.89 17.12 -8.33
CA VAL A 287 -20.06 17.20 -7.46
C VAL A 287 -21.11 18.25 -7.88
N GLY A 288 -20.77 19.05 -8.89
CA GLY A 288 -21.73 19.99 -9.49
C GLY A 288 -22.61 19.41 -10.58
N ALA A 289 -22.53 18.11 -10.83
CA ALA A 289 -23.36 17.45 -11.85
C ALA A 289 -23.71 16.04 -11.43
N ALA A 290 -24.67 15.45 -12.14
CA ALA A 290 -25.20 14.13 -11.83
C ALA A 290 -24.12 13.06 -12.09
N PRO A 291 -24.08 11.97 -11.31
CA PRO A 291 -24.97 11.71 -10.18
C PRO A 291 -24.54 12.34 -8.86
N PHE A 292 -23.35 12.94 -8.81
CA PHE A 292 -22.75 13.34 -7.54
C PHE A 292 -23.29 14.64 -6.94
N SER A 293 -24.06 15.39 -7.71
CA SER A 293 -24.80 16.57 -7.20
C SER A 293 -26.06 16.19 -6.39
N ASP A 294 -26.49 14.93 -6.46
CA ASP A 294 -27.60 14.45 -5.64
C ASP A 294 -27.24 14.48 -4.16
N ALA A 295 -27.63 15.57 -3.51
CA ALA A 295 -27.36 15.77 -2.07
C ALA A 295 -28.03 14.78 -1.12
N ASN A 296 -29.03 14.04 -1.58
CA ASN A 296 -29.61 12.98 -0.75
C ASN A 296 -28.79 11.71 -0.73
N LYS A 297 -28.01 11.48 -1.79
CA LYS A 297 -27.02 10.38 -1.81
C LYS A 297 -25.62 10.79 -1.35
N PHE A 298 -25.15 11.95 -1.78
CA PHE A 298 -23.75 12.37 -1.55
C PHE A 298 -23.60 13.68 -0.81
N LYS A 299 -22.69 13.70 0.15
CA LYS A 299 -22.23 14.91 0.79
C LYS A 299 -20.73 15.10 0.53
N TYR A 300 -20.36 16.17 -0.17
CA TYR A 300 -18.95 16.54 -0.33
C TYR A 300 -18.54 17.47 0.78
N ILE A 301 -17.48 17.11 1.51
CA ILE A 301 -16.97 17.90 2.62
C ILE A 301 -15.52 18.33 2.32
N ALA A 302 -15.35 19.61 2.00
CA ALA A 302 -14.05 20.17 1.67
C ALA A 302 -13.12 20.16 2.87
N GLY A 303 -11.87 19.76 2.63
CA GLY A 303 -10.85 19.80 3.64
C GLY A 303 -10.93 18.73 4.70
N ALA A 304 -11.85 17.78 4.55
CA ALA A 304 -12.08 16.77 5.59
C ALA A 304 -11.66 15.36 5.15
N ARG A 305 -11.24 14.58 6.12
CA ARG A 305 -11.12 13.13 6.01
C ARG A 305 -12.46 12.53 6.35
N PRO A 306 -12.75 11.31 5.86
CA PRO A 306 -14.12 10.81 6.01
C PRO A 306 -14.51 10.27 7.40
N TRP A 307 -13.52 10.04 8.27
CA TRP A 307 -13.71 9.15 9.45
C TRP A 307 -14.80 9.64 10.44
N VAL A 308 -14.79 10.93 10.75
CA VAL A 308 -15.76 11.52 11.69
C VAL A 308 -17.10 11.89 11.05
N HIS A 309 -17.24 11.72 9.73
CA HIS A 309 -18.42 12.16 8.99
C HIS A 309 -19.28 11.02 8.46
N VAL A 310 -18.85 9.78 8.66
CA VAL A 310 -19.57 8.63 8.07
C VAL A 310 -20.60 8.03 9.03
N GLY A 311 -20.62 8.50 10.27
CA GLY A 311 -21.53 7.96 11.29
C GLY A 311 -21.07 6.58 11.71
N LYS A 312 -22.02 5.66 11.84
CA LYS A 312 -21.72 4.29 12.21
C LYS A 312 -21.03 3.58 11.04
N VAL A 313 -19.92 2.93 11.34
CA VAL A 313 -19.22 2.10 10.36
C VAL A 313 -18.70 0.84 11.02
N ASP A 314 -18.64 -0.21 10.23
CA ASP A 314 -18.16 -1.51 10.68
C ASP A 314 -16.68 -1.76 10.31
N VAL A 315 -16.25 -1.22 9.18
CA VAL A 315 -14.87 -1.43 8.64
C VAL A 315 -14.34 -0.11 8.13
N ALA A 316 -13.07 0.17 8.45
CA ALA A 316 -12.37 1.34 7.93
C ALA A 316 -11.13 0.85 7.11
N LEU A 317 -11.01 1.33 5.87
CA LEU A 317 -9.89 0.98 4.96
C LEU A 317 -9.24 2.25 4.43
N PRO A 318 -8.36 2.87 5.24
CA PRO A 318 -7.63 4.01 4.72
C PRO A 318 -6.76 3.54 3.52
N SER A 319 -6.93 4.23 2.41
CA SER A 319 -6.39 3.81 1.11
C SER A 319 -5.82 5.00 0.31
N ALA A 320 -5.38 6.05 1.01
CA ALA A 320 -4.85 7.26 0.36
C ALA A 320 -3.33 7.43 0.53
N THR A 321 -2.89 7.60 1.77
CA THR A 321 -1.54 8.08 2.04
C THR A 321 -1.18 7.82 3.50
N GLN A 322 0.08 8.05 3.87
CA GLN A 322 0.52 7.80 5.23
C GLN A 322 -0.08 8.81 6.25
N ASN A 323 -0.21 8.34 7.48
CA ASN A 323 -0.63 9.19 8.61
C ASN A 323 -1.96 9.90 8.38
N GLU A 324 -2.91 9.17 7.80
CA GLU A 324 -4.21 9.73 7.46
C GLU A 324 -5.35 9.36 8.44
N ILE A 325 -5.03 8.62 9.50
CA ILE A 325 -5.93 8.40 10.66
C ILE A 325 -5.21 8.86 11.94
N SER A 326 -5.61 10.01 12.47
CA SER A 326 -5.05 10.54 13.74
C SER A 326 -5.50 9.73 14.94
N GLY A 327 -4.90 10.01 16.10
CA GLY A 327 -5.37 9.45 17.38
C GLY A 327 -6.86 9.75 17.64
N GLU A 328 -7.28 11.01 17.43
CA GLU A 328 -8.70 11.41 17.62
C GLU A 328 -9.61 10.59 16.73
N GLU A 329 -9.27 10.57 15.44
CA GLU A 329 -10.08 9.86 14.44
C GLU A 329 -10.20 8.38 14.75
N ALA A 330 -9.14 7.79 15.32
CA ALA A 330 -9.17 6.39 15.72
C ALA A 330 -10.23 6.18 16.84
N GLN A 331 -10.24 7.08 17.82
CA GLN A 331 -11.22 7.01 18.93
C GLN A 331 -12.64 7.16 18.39
N VAL A 332 -12.84 8.11 17.48
CA VAL A 332 -14.14 8.29 16.83
C VAL A 332 -14.60 7.03 16.11
N LEU A 333 -13.70 6.36 15.38
CA LEU A 333 -14.07 5.14 14.67
C LEU A 333 -14.49 4.05 15.64
N ILE A 334 -13.74 3.92 16.73
CA ILE A 334 -14.09 2.96 17.80
C ILE A 334 -15.51 3.28 18.33
N ASN A 335 -15.76 4.55 18.65
CA ASN A 335 -17.07 5.04 19.14
C ASN A 335 -18.18 4.84 18.13
N ALA A 336 -17.84 4.88 16.84
CA ALA A 336 -18.80 4.61 15.79
C ALA A 336 -19.08 3.13 15.53
N GLY A 337 -18.52 2.24 16.33
CA GLY A 337 -18.76 0.81 16.18
C GLY A 337 -17.83 0.07 15.22
N CYS A 338 -16.79 0.75 14.73
CA CYS A 338 -15.80 0.11 13.82
C CYS A 338 -15.09 -1.03 14.53
N LYS A 339 -15.19 -2.23 13.98
CA LYS A 339 -14.52 -3.41 14.54
C LYS A 339 -13.32 -3.92 13.70
N PHE A 340 -13.11 -3.35 12.52
CA PHE A 340 -12.03 -3.80 11.61
C PHE A 340 -11.43 -2.61 10.92
N ILE A 341 -10.12 -2.47 11.05
CA ILE A 341 -9.41 -1.41 10.37
C ILE A 341 -8.17 -2.07 9.73
N ALA A 342 -8.05 -1.91 8.42
CA ALA A 342 -6.89 -2.46 7.65
C ALA A 342 -6.34 -1.38 6.74
N GLU A 343 -5.01 -1.29 6.70
CA GLU A 343 -4.35 -0.26 5.89
C GLU A 343 -4.23 -0.69 4.44
N GLY A 344 -4.99 -0.04 3.58
CA GLY A 344 -4.75 -0.04 2.13
C GLY A 344 -3.51 0.83 1.85
N SER A 345 -3.49 2.02 2.43
CA SER A 345 -2.35 2.91 2.31
C SER A 345 -1.18 2.43 3.16
N ASN A 346 0.04 2.75 2.72
CA ASN A 346 1.20 2.42 3.50
C ASN A 346 1.35 3.38 4.69
N MET A 347 1.53 2.81 5.87
CA MET A 347 1.57 3.54 7.15
C MET A 347 0.35 4.49 7.28
N GLY A 348 -0.80 4.02 6.84
CA GLY A 348 -2.04 4.81 6.87
C GLY A 348 -2.39 5.36 8.26
N CYS A 349 -2.20 4.54 9.30
CA CYS A 349 -2.46 4.97 10.67
C CYS A 349 -1.29 5.68 11.28
N THR A 350 -1.57 6.81 11.93
CA THR A 350 -0.59 7.41 12.84
C THR A 350 -0.26 6.44 13.95
N GLN A 351 0.88 6.67 14.61
CA GLN A 351 1.25 5.85 15.75
C GLN A 351 0.20 5.94 16.88
N GLU A 352 -0.37 7.13 17.04
CA GLU A 352 -1.42 7.39 18.07
C GLU A 352 -2.63 6.51 17.80
N ALA A 353 -3.03 6.46 16.53
CA ALA A 353 -4.09 5.57 16.09
C ALA A 353 -3.80 4.11 16.37
N ILE A 354 -2.60 3.65 16.02
CA ILE A 354 -2.22 2.27 16.26
C ILE A 354 -2.29 1.93 17.76
N ASP A 355 -1.74 2.80 18.59
CA ASP A 355 -1.72 2.60 20.03
C ASP A 355 -3.17 2.50 20.58
N THR A 356 -4.04 3.37 20.08
CA THR A 356 -5.46 3.37 20.41
C THR A 356 -6.14 2.06 20.01
N PHE A 357 -5.89 1.60 18.78
CA PHE A 357 -6.49 0.34 18.31
C PHE A 357 -5.99 -0.86 19.08
N GLU A 358 -4.69 -0.87 19.39
CA GLU A 358 -4.10 -1.98 20.09
C GLU A 358 -4.47 -2.02 21.60
N ALA A 359 -4.50 -0.86 22.23
CA ALA A 359 -4.99 -0.74 23.62
C ALA A 359 -6.42 -1.29 23.72
N HIS A 360 -7.26 -0.87 22.78
CA HIS A 360 -8.63 -1.36 22.67
C HIS A 360 -8.74 -2.87 22.49
N ARG A 361 -7.87 -3.43 21.66
CA ARG A 361 -7.84 -4.88 21.47
C ARG A 361 -7.50 -5.63 22.77
N THR A 362 -6.55 -5.11 23.53
CA THR A 362 -6.15 -5.79 24.78
C THR A 362 -7.18 -5.62 25.92
N ALA A 363 -7.98 -4.55 25.86
CA ALA A 363 -9.03 -4.26 26.85
C ALA A 363 -10.37 -4.96 26.60
N ASN A 364 -10.61 -5.45 25.39
CA ASN A 364 -11.93 -5.98 24.99
C ASN A 364 -11.79 -7.37 24.40
N ALA A 365 -12.53 -8.32 24.95
CA ALA A 365 -12.45 -9.71 24.51
C ALA A 365 -13.14 -9.94 23.16
N GLY A 366 -12.55 -10.83 22.36
CA GLY A 366 -13.15 -11.33 21.12
C GLY A 366 -13.64 -10.27 20.15
N ALA A 367 -14.84 -10.46 19.63
CA ALA A 367 -15.45 -9.55 18.66
C ALA A 367 -15.79 -8.15 19.18
N ALA A 368 -15.65 -7.90 20.48
CA ALA A 368 -15.81 -6.55 21.02
C ALA A 368 -14.64 -5.62 20.65
N ALA A 369 -13.47 -6.20 20.41
CA ALA A 369 -12.27 -5.42 20.02
C ALA A 369 -12.34 -4.93 18.59
N ILE A 370 -11.87 -3.71 18.35
CA ILE A 370 -11.44 -3.27 17.02
C ILE A 370 -10.10 -3.96 16.69
N TRP A 371 -10.05 -4.62 15.53
CA TRP A 371 -8.84 -5.36 15.11
C TRP A 371 -8.14 -4.58 13.97
N TYR A 372 -6.89 -4.21 14.24
CA TYR A 372 -6.02 -3.46 13.34
C TYR A 372 -5.12 -4.42 12.57
N ALA A 373 -5.12 -4.32 11.23
CA ALA A 373 -4.19 -5.05 10.38
C ALA A 373 -3.26 -4.04 9.67
N PRO A 374 -1.93 -4.24 9.78
CA PRO A 374 -1.00 -3.28 9.18
C PRO A 374 -0.94 -3.44 7.66
N GLY A 375 -0.54 -2.37 6.96
CA GLY A 375 -0.45 -2.40 5.50
C GLY A 375 0.44 -3.50 4.95
N LYS A 376 1.56 -3.75 5.63
CA LYS A 376 2.51 -4.76 5.15
C LYS A 376 1.86 -6.14 5.05
N ALA A 377 0.77 -6.36 5.79
CA ALA A 377 0.00 -7.58 5.65
C ALA A 377 -1.15 -7.39 4.66
N ALA A 378 -1.99 -6.37 4.89
CA ALA A 378 -3.26 -6.25 4.20
C ALA A 378 -3.15 -5.71 2.77
N ASN A 379 -2.17 -4.84 2.51
CA ASN A 379 -2.05 -4.26 1.16
C ASN A 379 -1.04 -5.00 0.24
N ALA A 380 -0.55 -6.15 0.69
CA ALA A 380 0.46 -6.97 -0.01
C ALA A 380 -0.02 -7.60 -1.30
N GLY A 381 -1.32 -7.55 -1.57
CA GLY A 381 -1.88 -8.10 -2.78
C GLY A 381 -1.32 -7.48 -4.05
N GLY A 382 -1.03 -6.19 -4.02
CA GLY A 382 -0.51 -5.49 -5.19
C GLY A 382 0.85 -6.04 -5.60
N VAL A 383 1.79 -5.98 -4.68
CA VAL A 383 3.14 -6.48 -4.95
C VAL A 383 3.13 -7.99 -5.23
N ALA A 384 2.23 -8.74 -4.57
CA ALA A 384 2.09 -10.16 -4.85
C ALA A 384 1.73 -10.40 -6.30
N VAL A 385 0.72 -9.68 -6.79
CA VAL A 385 0.30 -9.83 -8.18
C VAL A 385 1.40 -9.29 -9.14
N SER A 386 2.13 -8.25 -8.75
CA SER A 386 3.34 -7.84 -9.51
C SER A 386 4.34 -9.01 -9.62
N GLY A 387 4.53 -9.77 -8.53
CA GLY A 387 5.34 -10.98 -8.54
C GLY A 387 4.85 -12.00 -9.55
N LEU A 388 3.54 -12.11 -9.66
CA LEU A 388 2.93 -13.02 -10.63
C LEU A 388 3.04 -12.47 -12.04
N GLU A 389 3.04 -11.14 -12.18
CA GLU A 389 3.27 -10.52 -13.51
C GLU A 389 4.72 -10.85 -13.93
N MET A 390 5.67 -10.73 -13.00
CA MET A 390 7.07 -11.13 -13.27
C MET A 390 7.17 -12.59 -13.69
N ALA A 391 6.46 -13.48 -12.96
CA ALA A 391 6.41 -14.89 -13.27
C ALA A 391 5.86 -15.15 -14.66
N GLN A 392 4.78 -14.46 -15.00
CA GLN A 392 4.21 -14.58 -16.33
C GLN A 392 5.18 -14.07 -17.40
N ASN A 393 5.84 -12.95 -17.14
CA ASN A 393 6.81 -12.41 -18.10
C ASN A 393 7.97 -13.39 -18.30
N SER A 394 8.47 -13.99 -17.21
CA SER A 394 9.56 -14.98 -17.32
C SER A 394 9.14 -16.28 -18.03
N ALA A 395 7.89 -16.69 -17.87
CA ALA A 395 7.31 -17.83 -18.63
C ALA A 395 6.96 -17.50 -20.08
N ARG A 396 6.86 -16.21 -20.39
CA ARG A 396 6.47 -15.71 -21.71
C ARG A 396 5.02 -16.05 -22.08
N LEU A 397 4.16 -16.22 -21.06
CA LEU A 397 2.78 -16.63 -21.24
C LEU A 397 1.94 -15.97 -20.19
N SER A 398 0.76 -15.51 -20.56
CA SER A 398 -0.15 -14.91 -19.58
C SER A 398 -1.09 -15.95 -18.97
N TRP A 399 -1.56 -15.65 -17.78
CA TRP A 399 -2.50 -16.47 -17.07
C TRP A 399 -3.88 -15.85 -17.14
N THR A 400 -4.88 -16.66 -16.82
CA THR A 400 -6.27 -16.16 -16.82
C THR A 400 -6.51 -15.35 -15.57
N SER A 401 -7.54 -14.52 -15.64
CA SER A 401 -8.01 -13.74 -14.51
C SER A 401 -8.25 -14.65 -13.29
N GLU A 402 -8.85 -15.81 -13.54
CA GLU A 402 -9.22 -16.74 -12.49
C GLU A 402 -7.99 -17.36 -11.81
N GLU A 403 -6.97 -17.67 -12.61
CA GLU A 403 -5.69 -18.16 -12.09
C GLU A 403 -5.01 -17.14 -11.20
N VAL A 404 -4.94 -15.89 -11.66
CA VAL A 404 -4.24 -14.86 -10.89
C VAL A 404 -5.01 -14.57 -9.61
N ASP A 405 -6.33 -14.41 -9.72
CA ASP A 405 -7.18 -14.13 -8.56
C ASP A 405 -7.12 -15.25 -7.53
N ALA A 406 -7.12 -16.50 -7.97
CA ALA A 406 -7.01 -17.64 -7.04
C ALA A 406 -5.69 -17.61 -6.26
N ARG A 407 -4.60 -17.35 -6.96
CA ARG A 407 -3.31 -17.23 -6.28
C ARG A 407 -3.32 -16.06 -5.30
N LEU A 408 -3.86 -14.92 -5.71
CA LEU A 408 -3.99 -13.77 -4.82
C LEU A 408 -4.77 -14.12 -3.55
N LYS A 409 -5.89 -14.80 -3.71
CA LYS A 409 -6.68 -15.26 -2.55
C LYS A 409 -5.87 -16.17 -1.62
N ASP A 410 -5.12 -17.13 -2.19
CA ASP A 410 -4.26 -18.01 -1.37
C ASP A 410 -3.17 -17.24 -0.63
N ILE A 411 -2.57 -16.25 -1.33
CA ILE A 411 -1.54 -15.42 -0.70
C ILE A 411 -2.10 -14.60 0.46
N MET A 412 -3.27 -13.99 0.29
CA MET A 412 -3.84 -13.19 1.38
C MET A 412 -4.24 -14.08 2.57
N ARG A 413 -4.80 -15.25 2.30
CA ARG A 413 -5.09 -16.24 3.36
C ARG A 413 -3.83 -16.64 4.13
N ASP A 414 -2.75 -17.00 3.41
CA ASP A 414 -1.50 -17.40 4.06
C ASP A 414 -0.90 -16.27 4.86
N CYS A 415 -0.99 -15.05 4.36
CA CYS A 415 -0.45 -13.89 5.05
C CYS A 415 -1.19 -13.66 6.38
N PHE A 416 -2.51 -13.68 6.29
CA PHE A 416 -3.34 -13.57 7.52
C PHE A 416 -2.97 -14.64 8.53
N LYS A 417 -2.97 -15.90 8.11
CA LYS A 417 -2.65 -17.02 9.00
C LYS A 417 -1.28 -16.92 9.65
N ASN A 418 -0.28 -16.52 8.86
CA ASN A 418 1.07 -16.37 9.33
C ASN A 418 1.14 -15.30 10.41
N GLY A 419 0.53 -14.15 10.18
CA GLY A 419 0.55 -13.08 11.16
C GLY A 419 -0.20 -13.50 12.43
N LEU A 420 -1.34 -14.16 12.26
CA LEU A 420 -2.15 -14.63 13.40
C LEU A 420 -1.39 -15.66 14.25
N GLU A 421 -0.90 -16.71 13.62
CA GLU A 421 -0.18 -17.76 14.32
C GLU A 421 1.14 -17.28 14.92
N THR A 422 1.85 -16.37 14.22
CA THR A 422 3.09 -15.83 14.74
C THR A 422 2.82 -14.99 16.00
N ALA A 423 1.78 -14.18 15.98
CA ALA A 423 1.40 -13.39 17.15
C ALA A 423 1.04 -14.32 18.33
N GLN A 424 0.27 -15.36 18.04
CA GLN A 424 -0.12 -16.37 19.03
C GLN A 424 1.08 -17.04 19.70
N GLU A 425 2.14 -17.30 18.93
CA GLU A 425 3.35 -17.97 19.43
C GLU A 425 4.34 -17.05 20.15
N TYR A 426 4.58 -15.85 19.63
CA TYR A 426 5.61 -14.94 20.19
C TYR A 426 5.10 -13.80 21.06
N ALA A 427 3.81 -13.49 20.97
CA ALA A 427 3.24 -12.37 21.71
C ALA A 427 1.84 -12.79 22.16
N THR A 428 1.78 -13.92 22.86
CA THR A 428 0.53 -14.61 23.14
C THR A 428 -0.43 -13.69 23.90
N PRO A 429 -1.64 -13.49 23.37
CA PRO A 429 -2.57 -12.61 24.05
C PRO A 429 -3.23 -13.33 25.27
N ALA A 430 -3.75 -12.54 26.21
CA ALA A 430 -4.61 -13.08 27.28
C ALA A 430 -5.75 -13.87 26.66
N GLU A 431 -6.20 -14.93 27.33
CA GLU A 431 -7.29 -15.78 26.82
C GLU A 431 -8.53 -14.93 26.46
N GLY A 432 -9.16 -15.25 25.33
CA GLY A 432 -10.24 -14.43 24.77
C GLY A 432 -9.85 -13.16 24.01
N VAL A 433 -8.59 -12.75 24.08
CA VAL A 433 -8.13 -11.54 23.39
C VAL A 433 -7.59 -11.93 22.00
N LEU A 434 -7.92 -11.10 21.00
CA LEU A 434 -7.41 -11.32 19.64
C LEU A 434 -5.89 -11.12 19.60
N PRO A 435 -5.16 -12.03 18.91
CA PRO A 435 -3.72 -11.77 18.74
C PRO A 435 -3.45 -10.51 17.91
N SER A 436 -2.32 -9.85 18.20
CA SER A 436 -1.92 -8.65 17.46
C SER A 436 -1.42 -9.03 16.05
N LEU A 437 -2.20 -8.64 15.04
CA LEU A 437 -1.80 -8.84 13.65
C LEU A 437 -0.61 -7.95 13.25
N VAL A 438 -0.50 -6.75 13.82
CA VAL A 438 0.68 -5.91 13.59
C VAL A 438 1.96 -6.57 14.14
N THR A 439 1.91 -7.01 15.39
CA THR A 439 3.05 -7.73 15.97
C THR A 439 3.38 -9.01 15.22
N GLY A 440 2.38 -9.80 14.89
CA GLY A 440 2.60 -11.08 14.23
C GLY A 440 3.19 -10.91 12.82
N SER A 441 2.62 -9.97 12.07
CA SER A 441 3.08 -9.65 10.73
C SER A 441 4.51 -9.14 10.74
N ASN A 442 4.82 -8.25 11.68
CA ASN A 442 6.17 -7.73 11.80
C ASN A 442 7.16 -8.80 12.13
N ILE A 443 6.84 -9.65 13.10
CA ILE A 443 7.76 -10.72 13.46
C ILE A 443 7.94 -11.70 12.30
N ALA A 444 6.84 -12.08 11.66
CA ALA A 444 6.91 -13.08 10.61
C ALA A 444 7.77 -12.56 9.41
N GLY A 445 7.53 -11.32 9.01
CA GLY A 445 8.31 -10.71 7.91
C GLY A 445 9.77 -10.52 8.25
N PHE A 446 10.02 -9.96 9.43
CA PHE A 446 11.35 -9.71 9.89
C PHE A 446 12.20 -10.95 10.05
N THR A 447 11.67 -12.01 10.68
CA THR A 447 12.48 -13.20 10.89
C THR A 447 12.85 -13.88 9.58
N LYS A 448 11.93 -13.92 8.63
CA LYS A 448 12.22 -14.52 7.34
C LYS A 448 13.39 -13.80 6.66
N VAL A 449 13.32 -12.46 6.66
CA VAL A 449 14.36 -11.64 6.06
C VAL A 449 15.70 -11.78 6.82
N ALA A 450 15.63 -11.66 8.14
CA ALA A 450 16.81 -11.74 8.99
C ALA A 450 17.58 -13.05 8.80
N ALA A 451 16.85 -14.16 8.73
CA ALA A 451 17.47 -15.48 8.60
C ALA A 451 18.09 -15.65 7.19
N ALA A 452 17.38 -15.19 6.16
CA ALA A 452 17.95 -15.21 4.77
C ALA A 452 19.22 -14.36 4.67
N MET A 453 19.22 -13.19 5.31
CA MET A 453 20.39 -12.34 5.40
C MET A 453 21.56 -13.06 6.06
N LYS A 454 21.29 -13.75 7.17
CA LYS A 454 22.33 -14.53 7.83
C LYS A 454 22.86 -15.65 6.94
N ASP A 455 21.96 -16.34 6.25
CA ASP A 455 22.37 -17.40 5.35
C ASP A 455 23.30 -16.84 4.29
N GLN A 456 23.05 -15.60 3.86
CA GLN A 456 23.80 -15.04 2.75
C GLN A 456 24.99 -14.18 3.17
N GLY A 457 25.26 -14.13 4.47
CA GLY A 457 26.43 -13.46 5.00
C GLY A 457 26.33 -11.96 5.15
N ASP A 458 25.11 -11.41 5.10
CA ASP A 458 24.90 -9.96 5.30
C ASP A 458 25.22 -9.54 6.72
N TRP A 459 24.97 -10.44 7.66
CA TRP A 459 25.39 -10.31 9.06
C TRP A 459 25.74 -11.68 9.57
N TRP A 460 26.40 -11.71 10.72
CA TRP A 460 26.82 -12.96 11.35
C TRP A 460 26.91 -12.72 12.86
PA NDP B . -3.22 6.72 -6.44
O1A NDP B . -2.33 7.84 -6.88
O2A NDP B . -3.95 6.01 -7.51
O5B NDP B . -4.33 7.38 -5.49
C5B NDP B . -3.91 8.03 -4.32
C4B NDP B . -5.19 8.62 -3.56
O4B NDP B . -4.79 9.06 -2.41
C3B NDP B . -5.80 9.80 -4.33
O3B NDP B . -7.18 9.87 -4.16
C2B NDP B . -5.01 10.94 -3.69
O2B NDP B . -5.76 12.23 -3.81
C1B NDP B . -4.83 10.64 -2.43
N9A NDP B . -3.58 11.11 -1.93
C8A NDP B . -2.31 10.80 -2.30
N7A NDP B . -1.44 11.52 -1.56
C5A NDP B . -2.17 12.29 -0.73
C6A NDP B . -1.76 13.21 0.24
N6A NDP B . -0.46 13.66 0.65
N1A NDP B . -2.69 13.87 0.97
C2A NDP B . -4.03 13.60 0.74
N3A NDP B . -4.45 12.70 -0.21
C4A NDP B . -3.49 12.03 -0.95
O3 NDP B . -2.37 5.77 -5.52
PN NDP B . -2.68 4.33 -4.96
O1N NDP B . -4.17 4.07 -4.89
O2N NDP B . -2.02 3.27 -5.80
O5D NDP B . -1.98 4.34 -3.55
C5D NDP B . -2.77 4.67 -2.35
C4D NDP B . -2.08 4.06 -1.13
O4D NDP B . -2.02 2.76 -1.30
C3D NDP B . -0.64 4.55 -0.96
O3D NDP B . -0.29 4.70 0.37
C2D NDP B . 0.17 3.42 -1.61
O2D NDP B . 1.58 3.47 -1.18
C1D NDP B . -0.49 2.36 -1.13
N1N NDP B . -0.40 1.12 -1.83
C2N NDP B . -0.61 1.03 -3.19
C3N NDP B . -0.29 -0.21 -3.92
C7N NDP B . -0.64 -0.35 -5.41
O7N NDP B . -0.60 -1.45 -5.94
N7N NDP B . -1.04 0.78 -6.15
C4N NDP B . -0.02 -1.50 -3.20
C5N NDP B . 0.06 -1.35 -1.70
C6N NDP B . -0.15 -0.01 -1.05
P2B NDP B . -5.40 13.30 -4.96
O1X NDP B . -3.90 13.66 -4.79
O2X NDP B . -5.77 12.74 -6.28
O3X NDP B . -6.17 14.58 -4.71
O01 8G0 C . 5.75 -3.46 -6.76
C02 8G0 C . 4.58 -3.06 -6.96
O03 8G0 C . 3.85 -3.53 -7.91
C04 8G0 C . 3.99 -2.02 -6.05
C05 8G0 C . 3.38 -0.88 -6.60
C06 8G0 C . 2.81 0.07 -5.74
C07 8G0 C . 2.86 -0.13 -4.39
C08 8G0 C . 3.47 -1.25 -3.85
C09 8G0 C . 3.45 -1.42 -2.35
O10 8G0 C . 3.60 -2.57 -1.87
O11 8G0 C . 3.27 -0.44 -1.58
C12 8G0 C . 4.04 -2.21 -4.68
C1 GOL D . 22.93 3.96 2.96
O1 GOL D . 22.29 3.22 1.93
C2 GOL D . 21.95 4.81 3.81
O2 GOL D . 22.71 5.59 4.73
C3 GOL D . 21.08 5.77 2.99
O3 GOL D . 20.03 6.31 3.81
C1 GOL E . -3.66 -4.77 -16.69
O1 GOL E . -3.79 -5.84 -17.62
C2 GOL E . -3.23 -3.52 -17.44
O2 GOL E . -4.24 -3.23 -18.42
C3 GOL E . -3.01 -2.29 -16.55
O3 GOL E . -2.61 -1.11 -17.30
C1 GOL F . 20.02 -7.24 -7.09
O1 GOL F . 18.63 -7.46 -6.97
C2 GOL F . 20.59 -7.93 -5.82
O2 GOL F . 21.11 -9.19 -6.17
C3 GOL F . 21.68 -7.21 -5.04
O3 GOL F . 22.03 -5.94 -5.47
C1 GOL G . 5.42 -16.96 4.29
O1 GOL G . 6.34 -17.61 3.40
C2 GOL G . 4.11 -16.72 3.54
O2 GOL G . 3.73 -17.89 2.82
C3 GOL G . 2.95 -16.39 4.48
O3 GOL G . 3.03 -15.05 4.97
C1 GOL H . -0.71 -0.31 -9.20
O1 GOL H . -1.00 1.07 -9.38
C2 GOL H . -0.69 -0.96 -10.56
O2 GOL H . -2.00 -0.80 -11.12
C3 GOL H . 0.38 -0.27 -11.41
O3 GOL H . 1.69 -0.37 -10.87
C1 GOL I . -1.79 13.28 5.16
O1 GOL I . -1.09 13.50 6.41
C2 GOL I . -3.27 13.59 5.37
O2 GOL I . -3.42 14.99 5.59
C3 GOL I . -4.16 13.21 4.20
O3 GOL I . -5.52 12.95 4.60
C1 GOL J . 0.69 -21.67 -13.39
O1 GOL J . 1.83 -22.07 -14.13
C2 GOL J . -0.41 -21.10 -14.30
O2 GOL J . -0.72 -22.10 -15.28
C3 GOL J . -1.71 -20.66 -13.61
O3 GOL J . -1.66 -20.52 -12.19
C1 GOL K . 17.47 5.17 12.37
O1 GOL K . 16.23 5.65 12.93
C2 GOL K . 17.74 3.75 12.83
O2 GOL K . 16.56 3.01 12.60
C3 GOL K . 18.85 3.05 12.05
O3 GOL K . 19.28 1.85 12.73
C1 GOL L . 12.91 -19.09 7.85
O1 GOL L . 12.19 -18.41 6.81
C2 GOL L . 12.90 -18.26 9.14
O2 GOL L . 11.61 -17.65 9.32
C3 GOL L . 13.20 -19.16 10.32
O3 GOL L . 13.73 -18.40 11.41
C1 GOL M . 23.30 -5.49 -13.34
O1 GOL M . 23.34 -6.50 -14.37
C2 GOL M . 22.93 -4.15 -13.94
O2 GOL M . 21.83 -4.32 -14.82
C3 GOL M . 22.51 -3.13 -12.90
O3 GOL M . 21.45 -2.32 -13.43
C1 GOL N . -8.77 15.43 2.55
O1 GOL N . -8.89 14.01 2.44
C2 GOL N . -7.86 15.75 3.72
O2 GOL N . -6.65 15.03 3.58
C3 GOL N . -7.52 17.24 3.75
O3 GOL N . -6.79 17.52 4.96
C1 GOL O . -4.31 17.92 -15.90
O1 GOL O . -3.08 17.50 -15.32
C2 GOL O . -5.16 18.69 -14.90
O2 GOL O . -4.79 18.37 -13.55
C3 GOL O . -5.05 20.20 -15.16
O3 GOL O . -5.37 20.97 -13.99
C1 GOL P . 25.05 -0.05 -11.81
O1 GOL P . 25.48 -0.43 -10.52
C2 GOL P . 26.03 1.00 -12.27
O2 GOL P . 26.97 0.35 -13.14
C3 GOL P . 25.29 2.11 -12.96
O3 GOL P . 26.24 3.11 -13.29
C1 PEG Q . 1.99 -11.47 -19.30
O1 PEG Q . 1.41 -10.50 -20.19
C2 PEG Q . 3.03 -12.34 -20.02
O2 PEG Q . 4.09 -11.56 -20.54
C3 PEG Q . 4.93 -12.30 -21.45
C4 PEG Q . 6.15 -11.48 -21.79
O4 PEG Q . 7.13 -12.20 -22.56
C1 PEG R . -27.48 2.69 -4.08
O1 PEG R . -27.23 3.55 -2.95
C2 PEG R . -28.56 3.28 -5.00
O2 PEG R . -28.22 4.60 -5.49
C3 PEG R . -28.20 4.77 -6.93
C4 PEG R . -29.02 5.98 -7.40
O4 PEG R . -28.27 7.20 -7.49
C1 PEG S . 9.73 -17.32 0.60
O1 PEG S . 10.66 -16.44 -0.06
C2 PEG S . 9.69 -18.77 0.16
O2 PEG S . 9.06 -19.52 1.21
C3 PEG S . 9.92 -20.00 2.26
C4 PEG S . 9.22 -19.91 3.60
O4 PEG S . 10.14 -19.71 4.70
C1 PEG T . -9.46 -14.61 0.28
O1 PEG T . -8.29 -15.33 0.71
C2 PEG T . -10.70 -15.45 0.02
O2 PEG T . -11.73 -15.10 0.96
C3 PEG T . -11.64 -15.76 2.23
C4 PEG T . -13.00 -16.34 2.64
O4 PEG T . -13.09 -16.50 4.07
#